data_5JF3
#
_entry.id   5JF3
#
_cell.length_a   41.070
_cell.length_b   65.490
_cell.length_c   88.790
_cell.angle_alpha   90.00
_cell.angle_beta   90.00
_cell.angle_gamma   90.00
#
_symmetry.space_group_name_H-M   'P 21 21 21'
#
loop_
_entity.id
_entity.type
_entity.pdbx_description
1 polymer 'Peptide deformylase'
2 non-polymer 'methyl 4-({5-[(3R)-1-(hydroxyamino)-1-oxoheptan-3-yl]-1,2,4-oxadiazol-3-yl}methyl)benzoate'
3 non-polymer 'ACETATE ION'
4 non-polymer IMIDAZOLE
5 non-polymer 'ZINC ION'
6 water water
#
_entity_poly.entity_id   1
_entity_poly.type   'polypeptide(L)'
_entity_poly.pdbx_seq_one_letter_code
;MAAIDKLVKASHLIDMNDIIREGNPTLRKVAEEVTFPLSEKEEILGEKMMQFLKHSQDPIMAEKLGLRGGVGLAAPQLDI
SKRIIAVLVPNVEDAQGNPPKEAYSLQEVMYNPKVVSHSVQDAALSDGEG(OCS)LSVDREVPGYVVRHARVTIEYFDKT
GEKHRLKLKGYNSIVVQHEIDHIDGIMFYDRINEKNPFAVKEGLLILE
;
_entity_poly.pdbx_strand_id   A
#
# COMPACT_ATOMS: atom_id res chain seq x y z
N ALA A 2 -7.30 -19.05 -12.92
CA ALA A 2 -6.82 -17.65 -12.85
C ALA A 2 -6.14 -17.40 -11.51
N ALA A 3 -5.39 -16.30 -11.40
CA ALA A 3 -4.68 -15.94 -10.18
C ALA A 3 -5.65 -15.83 -8.99
N ILE A 4 -6.81 -15.21 -9.23
CA ILE A 4 -7.80 -15.00 -8.20
C ILE A 4 -8.26 -16.30 -7.55
N ASP A 5 -8.39 -17.35 -8.35
CA ASP A 5 -8.86 -18.63 -7.86
C ASP A 5 -7.88 -19.26 -6.87
N LYS A 6 -6.60 -19.22 -7.21
CA LYS A 6 -5.53 -19.69 -6.34
C LYS A 6 -5.51 -18.92 -5.01
N LEU A 7 -5.63 -17.59 -5.10
CA LEU A 7 -5.51 -16.72 -3.92
C LEU A 7 -6.62 -16.87 -2.88
N VAL A 8 -7.84 -17.16 -3.34
CA VAL A 8 -9.00 -17.15 -2.43
C VAL A 8 -9.33 -18.52 -1.79
N LYS A 9 -8.62 -19.57 -2.21
CA LYS A 9 -8.73 -20.89 -1.53
C LYS A 9 -8.58 -20.72 -0.02
N ALA A 10 -9.49 -21.33 0.74
CA ALA A 10 -9.56 -21.15 2.19
C ALA A 10 -8.22 -21.33 2.91
N SER A 11 -7.47 -22.35 2.50
CA SER A 11 -6.22 -22.70 3.16
C SER A 11 -5.01 -21.96 2.58
N HIS A 12 -5.23 -21.19 1.52
CA HIS A 12 -4.09 -20.51 0.89
C HIS A 12 -3.70 -19.25 1.62
N LEU A 13 -2.42 -19.16 1.97
CA LEU A 13 -1.87 -17.95 2.56
C LEU A 13 -1.00 -17.24 1.54
N ILE A 14 -1.24 -15.95 1.34
CA ILE A 14 -0.42 -15.19 0.40
C ILE A 14 1.02 -15.10 0.90
N ASP A 15 1.98 -15.37 0.01
CA ASP A 15 3.38 -15.19 0.34
C ASP A 15 4.09 -14.53 -0.85
N MET A 16 5.42 -14.51 -0.82
CA MET A 16 6.17 -13.73 -1.82
C MET A 16 6.04 -14.35 -3.22
N ASN A 17 5.75 -15.64 -3.28
CA ASN A 17 5.57 -16.32 -4.57
C ASN A 17 4.30 -15.90 -5.33
N ASP A 18 3.40 -15.22 -4.61
CA ASP A 18 2.16 -14.72 -5.19
C ASP A 18 2.33 -13.29 -5.69
N ILE A 19 3.46 -12.66 -5.35
CA ILE A 19 3.68 -11.26 -5.70
C ILE A 19 4.45 -11.16 -7.01
N ILE A 20 3.84 -10.49 -8.00
CA ILE A 20 4.47 -10.36 -9.31
C ILE A 20 5.56 -9.31 -9.25
N ARG A 21 6.47 -9.36 -10.22
CA ARG A 21 7.66 -8.55 -10.17
C ARG A 21 7.72 -7.53 -11.29
N GLU A 22 8.53 -6.51 -11.02
CA GLU A 22 8.85 -5.46 -11.95
C GLU A 22 9.02 -6.04 -13.36
N GLY A 23 8.31 -5.46 -14.32
CA GLY A 23 8.35 -5.96 -15.68
C GLY A 23 7.05 -6.61 -16.10
N ASN A 24 6.32 -7.17 -15.14
CA ASN A 24 5.04 -7.79 -15.43
C ASN A 24 4.07 -6.68 -15.83
N PRO A 25 3.47 -6.79 -17.02
CA PRO A 25 2.58 -5.74 -17.55
C PRO A 25 1.45 -5.35 -16.63
N THR A 26 1.00 -6.26 -15.75
CA THR A 26 -0.14 -5.94 -14.87
C THR A 26 0.16 -4.73 -13.98
N LEU A 27 1.43 -4.55 -13.61
CA LEU A 27 1.81 -3.42 -12.74
C LEU A 27 1.65 -2.06 -13.40
N ARG A 28 1.57 -2.04 -14.73
CA ARG A 28 1.43 -0.79 -15.50
C ARG A 28 0.01 -0.48 -16.01
N LYS A 29 -0.95 -1.37 -15.76
CA LYS A 29 -2.32 -1.12 -16.19
C LYS A 29 -3.03 -0.15 -15.26
N VAL A 30 -4.14 0.42 -15.73
CA VAL A 30 -5.08 1.09 -14.81
C VAL A 30 -6.06 0.02 -14.38
N ALA A 31 -6.04 -0.28 -13.08
CA ALA A 31 -6.90 -1.33 -12.52
C ALA A 31 -8.39 -1.03 -12.66
N GLU A 32 -9.19 -2.08 -12.81
CA GLU A 32 -10.63 -1.95 -13.00
C GLU A 32 -11.37 -1.67 -11.68
N GLU A 33 -12.33 -0.73 -11.69
CA GLU A 33 -13.12 -0.48 -10.50
C GLU A 33 -13.90 -1.70 -10.10
N VAL A 34 -14.09 -1.88 -8.79
CA VAL A 34 -14.95 -2.98 -8.31
C VAL A 34 -16.38 -2.49 -8.25
N THR A 35 -17.33 -3.41 -8.48
CA THR A 35 -18.75 -3.06 -8.33
C THR A 35 -19.30 -3.68 -7.04
N PHE A 36 -20.30 -3.00 -6.46
CA PHE A 36 -20.98 -3.45 -5.26
C PHE A 36 -22.42 -3.89 -5.56
N PRO A 37 -22.91 -4.92 -4.85
CA PRO A 37 -22.21 -5.65 -3.78
C PRO A 37 -21.05 -6.48 -4.30
N LEU A 38 -19.99 -6.56 -3.49
CA LEU A 38 -18.78 -7.30 -3.85
C LEU A 38 -19.07 -8.77 -4.09
N SER A 39 -18.36 -9.38 -5.03
CA SER A 39 -18.37 -10.83 -5.15
C SER A 39 -17.64 -11.45 -3.96
N GLU A 40 -17.93 -12.73 -3.69
CA GLU A 40 -17.23 -13.44 -2.63
C GLU A 40 -15.72 -13.40 -2.83
N LYS A 41 -15.27 -13.57 -4.08
CA LYS A 41 -13.84 -13.57 -4.42
C LYS A 41 -13.19 -12.25 -4.02
N GLU A 42 -13.86 -11.15 -4.32
CA GLU A 42 -13.29 -9.81 -4.04
C GLU A 42 -13.24 -9.48 -2.56
N GLU A 43 -14.23 -9.97 -1.82
CA GLU A 43 -14.24 -9.82 -0.38
C GLU A 43 -13.12 -10.65 0.25
N ILE A 44 -13.03 -11.90 -0.17
CA ILE A 44 -12.01 -12.80 0.37
C ILE A 44 -10.60 -12.29 0.00
N LEU A 45 -10.43 -11.80 -1.22
CA LEU A 45 -9.12 -11.29 -1.62
C LEU A 45 -8.68 -10.17 -0.67
N GLY A 46 -9.59 -9.24 -0.43
CA GLY A 46 -9.33 -8.16 0.54
C GLY A 46 -8.83 -8.71 1.87
N GLU A 47 -9.56 -9.69 2.42
CA GLU A 47 -9.17 -10.33 3.69
C GLU A 47 -7.81 -11.00 3.65
N LYS A 48 -7.53 -11.69 2.56
CA LYS A 48 -6.23 -12.35 2.36
C LYS A 48 -5.08 -11.33 2.29
N MET A 49 -5.35 -10.18 1.67
CA MET A 49 -4.36 -9.13 1.57
C MET A 49 -4.04 -8.54 2.94
N MET A 50 -5.07 -8.25 3.72
CA MET A 50 -4.84 -7.74 5.08
C MET A 50 -4.09 -8.81 5.89
N GLN A 51 -4.46 -10.08 5.71
CA GLN A 51 -3.78 -11.17 6.41
C GLN A 51 -2.28 -11.18 6.10
N PHE A 52 -1.96 -11.00 4.82
CA PHE A 52 -0.58 -10.93 4.38
C PHE A 52 0.16 -9.84 5.14
N LEU A 53 -0.46 -8.67 5.26
CA LEU A 53 0.23 -7.57 5.93
C LEU A 53 0.48 -7.90 7.40
N LYS A 54 -0.54 -8.48 8.04
CA LYS A 54 -0.45 -8.88 9.45
C LYS A 54 0.70 -9.88 9.61
N HIS A 55 0.74 -10.86 8.72
CA HIS A 55 1.80 -11.88 8.76
C HIS A 55 3.18 -11.31 8.51
N SER A 56 3.27 -10.36 7.58
CA SER A 56 4.55 -9.72 7.24
C SER A 56 5.12 -8.95 8.43
N GLN A 57 4.24 -8.51 9.33
CA GLN A 57 4.65 -7.71 10.48
C GLN A 57 4.85 -8.58 11.74
N ASP A 58 4.47 -9.85 11.67
CA ASP A 58 4.57 -10.78 12.79
C ASP A 58 5.87 -11.56 12.71
N PRO A 59 6.75 -11.45 13.73
CA PRO A 59 8.07 -12.09 13.64
C PRO A 59 8.01 -13.58 13.29
N ILE A 60 7.08 -14.31 13.90
CA ILE A 60 6.96 -15.76 13.63
C ILE A 60 6.43 -16.06 12.24
N MET A 61 5.28 -15.49 11.90
CA MET A 61 4.66 -15.79 10.62
C MET A 61 5.51 -15.26 9.45
N ALA A 62 6.19 -14.12 9.63
CA ALA A 62 7.05 -13.62 8.55
C ALA A 62 8.15 -14.64 8.27
N GLU A 63 8.69 -15.21 9.35
CA GLU A 63 9.73 -16.22 9.27
C GLU A 63 9.24 -17.53 8.66
N LYS A 64 8.08 -18.02 9.11
CA LYS A 64 7.50 -19.24 8.52
C LYS A 64 7.23 -19.11 7.03
N LEU A 65 6.78 -17.93 6.60
CA LEU A 65 6.31 -17.77 5.24
C LEU A 65 7.35 -17.11 4.32
N GLY A 66 8.45 -16.64 4.91
CA GLY A 66 9.53 -16.01 4.15
C GLY A 66 9.15 -14.62 3.64
N LEU A 67 8.52 -13.86 4.52
CA LEU A 67 7.88 -12.60 4.12
C LEU A 67 8.75 -11.40 4.30
N ARG A 68 8.78 -10.57 3.27
CA ARG A 68 9.30 -9.23 3.36
C ARG A 68 8.24 -8.35 4.04
N GLY A 69 8.66 -7.56 5.04
CA GLY A 69 7.77 -6.69 5.79
C GLY A 69 7.12 -5.63 4.92
N GLY A 70 5.83 -5.39 5.16
CA GLY A 70 5.11 -4.39 4.39
C GLY A 70 4.09 -3.66 5.23
N VAL A 71 3.74 -2.45 4.78
CA VAL A 71 2.62 -1.71 5.40
C VAL A 71 1.46 -1.48 4.40
N GLY A 72 1.60 -1.97 3.18
CA GLY A 72 0.56 -1.78 2.17
C GLY A 72 0.72 -2.83 1.08
N LEU A 73 -0.38 -3.13 0.40
CA LEU A 73 -0.40 -4.10 -0.68
C LEU A 73 -1.55 -3.74 -1.62
N ALA A 74 -1.31 -3.83 -2.93
CA ALA A 74 -2.35 -3.53 -3.88
C ALA A 74 -2.63 -4.77 -4.74
N ALA A 75 -3.90 -4.97 -5.12
CA ALA A 75 -4.27 -6.17 -5.89
C ALA A 75 -3.44 -6.39 -7.15
N PRO A 76 -3.15 -5.33 -7.93
CA PRO A 76 -2.24 -5.54 -9.07
C PRO A 76 -0.91 -6.28 -8.79
N GLN A 77 -0.37 -6.14 -7.58
CA GLN A 77 0.87 -6.84 -7.20
C GLN A 77 0.66 -8.33 -7.08
N LEU A 78 -0.60 -8.76 -7.01
CA LEU A 78 -0.96 -10.19 -6.96
C LEU A 78 -1.45 -10.66 -8.33
N ASP A 79 -1.23 -9.81 -9.34
CA ASP A 79 -1.68 -10.07 -10.73
C ASP A 79 -3.21 -9.96 -10.92
N ILE A 80 -3.85 -9.18 -10.05
CA ILE A 80 -5.29 -8.97 -10.08
C ILE A 80 -5.53 -7.49 -10.36
N SER A 81 -6.04 -7.19 -11.55
CA SER A 81 -6.15 -5.82 -11.99
C SER A 81 -7.46 -5.20 -11.54
N LYS A 82 -7.59 -5.06 -10.22
CA LYS A 82 -8.76 -4.47 -9.55
C LYS A 82 -8.35 -3.40 -8.54
N ARG A 83 -9.24 -2.42 -8.32
CA ARG A 83 -8.94 -1.28 -7.46
C ARG A 83 -9.21 -1.67 -6.00
N ILE A 84 -8.29 -2.48 -5.49
CA ILE A 84 -8.36 -2.97 -4.10
C ILE A 84 -6.98 -2.78 -3.47
N ILE A 85 -6.92 -2.08 -2.34
CA ILE A 85 -5.66 -1.97 -1.60
C ILE A 85 -5.90 -2.31 -0.12
N ALA A 86 -4.83 -2.76 0.53
CA ALA A 86 -4.84 -2.97 1.97
C ALA A 86 -3.70 -2.15 2.57
N VAL A 87 -3.99 -1.51 3.70
CA VAL A 87 -2.96 -0.69 4.37
C VAL A 87 -3.00 -1.02 5.86
N LEU A 88 -1.82 -1.13 6.45
CA LEU A 88 -1.69 -1.51 7.85
C LEU A 88 -0.43 -0.85 8.38
N VAL A 89 -0.60 0.30 9.03
CA VAL A 89 0.54 1.09 9.48
C VAL A 89 0.58 1.04 11.02
N PRO A 90 1.56 0.32 11.58
CA PRO A 90 1.60 0.16 13.04
C PRO A 90 2.12 1.38 13.77
N ASN A 91 1.58 1.63 14.97
CA ASN A 91 2.19 2.57 15.89
C ASN A 91 3.32 1.86 16.61
N VAL A 92 4.20 2.61 17.25
CA VAL A 92 5.41 2.05 17.86
C VAL A 92 5.35 2.12 19.39
N GLU A 93 6.00 1.16 20.05
CA GLU A 93 6.15 1.15 21.51
C GLU A 93 6.91 2.38 22.00
N ASP A 94 6.69 2.77 23.25
CA ASP A 94 7.48 3.87 23.81
C ASP A 94 8.86 3.36 24.27
N ALA A 95 9.71 4.26 24.78
CA ALA A 95 11.05 3.89 25.24
C ALA A 95 11.05 2.91 26.43
N GLN A 96 9.92 2.81 27.11
CA GLN A 96 9.75 1.90 28.24
C GLN A 96 9.22 0.52 27.81
N GLY A 97 8.92 0.35 26.53
CA GLY A 97 8.43 -0.93 26.05
C GLY A 97 6.91 -1.06 26.14
N ASN A 98 6.22 0.03 26.49
CA ASN A 98 4.78 -0.03 26.56
C ASN A 98 4.15 0.01 25.17
N PRO A 99 3.23 -0.93 24.89
CA PRO A 99 2.54 -0.85 23.60
C PRO A 99 1.82 0.49 23.42
N PRO A 100 1.64 0.94 22.17
CA PRO A 100 0.89 2.18 21.92
C PRO A 100 -0.59 2.03 22.30
N LYS A 101 -1.28 3.16 22.55
CA LYS A 101 -2.73 3.14 22.84
C LYS A 101 -3.50 2.50 21.70
N GLU A 102 -3.12 2.85 20.47
CA GLU A 102 -3.71 2.31 19.24
C GLU A 102 -2.62 1.45 18.59
N ALA A 103 -2.95 0.20 18.32
CA ALA A 103 -2.02 -0.70 17.64
C ALA A 103 -1.59 -0.16 16.26
N TYR A 104 -2.54 0.44 15.53
CA TYR A 104 -2.28 0.94 14.17
C TYR A 104 -2.74 2.38 14.00
N SER A 105 -1.98 3.17 13.25
CA SER A 105 -2.43 4.52 12.88
C SER A 105 -3.38 4.44 11.71
N LEU A 106 -3.34 3.33 10.99
CA LEU A 106 -4.27 3.13 9.87
C LEU A 106 -4.33 1.63 9.56
N GLN A 107 -5.55 1.11 9.47
CA GLN A 107 -5.79 -0.31 9.17
C GLN A 107 -7.08 -0.39 8.35
N GLU A 108 -6.96 -0.70 7.06
CA GLU A 108 -8.13 -0.71 6.21
C GLU A 108 -7.88 -1.49 4.93
N VAL A 109 -8.93 -2.12 4.46
CA VAL A 109 -9.00 -2.61 3.09
C VAL A 109 -9.93 -1.66 2.34
N MET A 110 -9.36 -1.01 1.32
CA MET A 110 -10.05 0.06 0.60
C MET A 110 -10.36 -0.40 -0.82
N TYR A 111 -11.61 -0.21 -1.23
CA TYR A 111 -12.07 -0.52 -2.57
C TYR A 111 -12.32 0.81 -3.29
N ASN A 112 -11.94 0.86 -4.57
CA ASN A 112 -12.04 2.09 -5.37
C ASN A 112 -11.54 3.35 -4.65
N PRO A 113 -10.35 3.27 -4.04
CA PRO A 113 -9.86 4.49 -3.37
C PRO A 113 -9.38 5.50 -4.38
N LYS A 114 -9.44 6.77 -4.03
CA LYS A 114 -8.82 7.81 -4.86
C LYS A 114 -8.51 9.07 -4.06
N VAL A 115 -7.53 9.83 -4.54
CA VAL A 115 -7.21 11.15 -3.95
C VAL A 115 -8.16 12.17 -4.55
N VAL A 116 -8.93 12.87 -3.70
CA VAL A 116 -9.91 13.85 -4.19
C VAL A 116 -9.43 15.29 -3.98
N SER A 117 -8.50 15.47 -3.05
CA SER A 117 -7.80 16.76 -2.92
C SER A 117 -6.50 16.56 -2.16
N HIS A 118 -5.66 17.58 -2.12
CA HIS A 118 -4.35 17.43 -1.50
C HIS A 118 -3.73 18.79 -1.25
N SER A 119 -2.70 18.78 -0.45
CA SER A 119 -1.97 19.98 -0.11
C SER A 119 -1.12 20.43 -1.29
N VAL A 120 -0.83 21.74 -1.35
CA VAL A 120 0.17 22.23 -2.30
C VAL A 120 1.56 21.69 -1.88
N GLN A 121 1.80 21.59 -0.57
CA GLN A 121 3.07 21.10 -0.09
C GLN A 121 3.30 19.63 -0.45
N ASP A 122 4.56 19.31 -0.77
CA ASP A 122 5.00 17.95 -1.05
C ASP A 122 5.70 17.37 0.16
N ALA A 123 5.80 16.04 0.21
CA ALA A 123 6.55 15.37 1.25
C ALA A 123 7.22 14.13 0.65
N ALA A 124 8.25 13.67 1.35
CA ALA A 124 8.95 12.45 0.95
C ALA A 124 9.54 11.81 2.20
N LEU A 125 9.55 10.48 2.24
CA LEU A 125 10.25 9.76 3.30
C LEU A 125 11.76 9.97 3.17
N SER A 126 12.41 10.30 4.28
CA SER A 126 13.85 10.51 4.32
C SER A 126 14.62 9.28 3.79
N ASP A 127 14.13 8.10 4.13
CA ASP A 127 14.78 6.84 3.79
C ASP A 127 14.38 6.29 2.42
N GLY A 128 13.59 7.05 1.68
CA GLY A 128 13.10 6.61 0.37
C GLY A 128 12.01 5.57 0.55
N GLU A 129 11.70 4.85 -0.54
CA GLU A 129 10.66 3.84 -0.48
C GLU A 129 11.18 2.55 -1.09
N GLY A 130 10.54 1.45 -0.74
CA GLY A 130 10.82 0.16 -1.35
C GLY A 130 9.51 -0.36 -1.89
N LEU A 132 7.48 -4.33 -2.70
CA LEU A 132 7.48 -5.80 -2.71
C LEU A 132 7.75 -6.40 -4.11
N SER A 133 7.41 -5.66 -5.16
CA SER A 133 7.60 -6.11 -6.54
C SER A 133 8.96 -5.74 -7.14
N VAL A 134 9.76 -4.99 -6.39
CA VAL A 134 11.05 -4.48 -6.90
C VAL A 134 12.22 -5.02 -6.08
N ASP A 135 13.05 -5.81 -6.77
CA ASP A 135 14.18 -6.52 -6.17
C ASP A 135 15.47 -5.83 -6.59
N ARG A 136 15.49 -4.51 -6.43
CA ARG A 136 16.63 -3.66 -6.77
C ARG A 136 16.75 -2.62 -5.68
N GLU A 137 17.97 -2.11 -5.50
CA GLU A 137 18.21 -0.95 -4.66
C GLU A 137 17.80 0.29 -5.46
N VAL A 138 16.89 1.07 -4.92
CA VAL A 138 16.45 2.31 -5.59
C VAL A 138 16.57 3.53 -4.66
N PRO A 139 17.62 4.33 -4.85
CA PRO A 139 17.80 5.51 -4.01
C PRO A 139 16.95 6.70 -4.40
N GLY A 140 16.62 7.52 -3.42
CA GLY A 140 16.07 8.85 -3.71
C GLY A 140 14.75 9.17 -3.03
N TYR A 141 14.43 10.46 -3.02
CA TYR A 141 13.19 10.93 -2.43
C TYR A 141 12.07 10.68 -3.42
N VAL A 142 11.08 9.95 -2.95
CA VAL A 142 9.87 9.74 -3.73
C VAL A 142 8.91 10.88 -3.38
N VAL A 143 8.78 11.83 -4.29
CA VAL A 143 8.04 13.07 -4.00
C VAL A 143 6.53 12.87 -4.11
N ARG A 144 5.85 13.05 -2.98
CA ARG A 144 4.41 12.87 -2.92
C ARG A 144 3.72 14.12 -2.37
N HIS A 145 2.39 14.08 -2.31
CA HIS A 145 1.63 15.15 -1.64
C HIS A 145 1.85 15.01 -0.16
N ALA A 146 2.02 16.13 0.54
CA ALA A 146 2.18 16.02 2.00
C ALA A 146 0.91 15.47 2.67
N ARG A 147 -0.22 16.07 2.30
CA ARG A 147 -1.52 15.75 2.89
C ARG A 147 -2.50 15.44 1.77
N VAL A 148 -3.39 14.49 2.02
CA VAL A 148 -4.39 14.15 1.04
C VAL A 148 -5.75 13.97 1.68
N THR A 149 -6.80 14.20 0.89
CA THR A 149 -8.14 13.76 1.26
C THR A 149 -8.47 12.63 0.30
N ILE A 150 -8.86 11.48 0.85
CA ILE A 150 -9.21 10.34 0.02
C ILE A 150 -10.69 9.99 0.19
N GLU A 151 -11.28 9.38 -0.84
CA GLU A 151 -12.53 8.67 -0.71
C GLU A 151 -12.30 7.23 -1.07
N TYR A 152 -13.00 6.34 -0.39
CA TYR A 152 -12.93 4.92 -0.73
C TYR A 152 -14.18 4.24 -0.20
N PHE A 153 -14.37 2.99 -0.61
CA PHE A 153 -15.50 2.16 -0.10
C PHE A 153 -14.95 0.99 0.68
N ASP A 154 -15.60 0.61 1.78
CA ASP A 154 -15.15 -0.61 2.45
C ASP A 154 -15.90 -1.81 1.88
N LYS A 155 -15.57 -3.01 2.36
CA LYS A 155 -16.15 -4.24 1.80
C LYS A 155 -17.69 -4.27 1.84
N THR A 156 -18.30 -3.45 2.69
CA THR A 156 -19.75 -3.42 2.78
C THR A 156 -20.36 -2.51 1.72
N GLY A 157 -19.52 -1.69 1.08
CA GLY A 157 -20.00 -0.70 0.12
C GLY A 157 -20.23 0.68 0.73
N GLU A 158 -20.00 0.82 2.03
CA GLU A 158 -20.07 2.13 2.69
C GLU A 158 -18.95 3.04 2.19
N LYS A 159 -19.29 4.28 1.87
CA LYS A 159 -18.32 5.29 1.41
C LYS A 159 -17.68 6.01 2.59
N HIS A 160 -16.36 6.21 2.52
CA HIS A 160 -15.64 6.96 3.56
C HIS A 160 -14.90 8.12 2.91
N ARG A 161 -14.76 9.21 3.67
CA ARG A 161 -14.00 10.38 3.22
C ARG A 161 -13.06 10.67 4.37
N LEU A 162 -11.76 10.77 4.08
CA LEU A 162 -10.74 10.79 5.14
C LEU A 162 -9.56 11.69 4.76
N LYS A 163 -9.13 12.59 5.65
CA LYS A 163 -7.89 13.34 5.46
C LYS A 163 -6.73 12.59 6.12
N LEU A 164 -5.59 12.54 5.44
CA LEU A 164 -4.40 11.85 5.93
C LEU A 164 -3.19 12.74 5.83
N LYS A 165 -2.28 12.57 6.77
CA LYS A 165 -1.00 13.24 6.74
C LYS A 165 0.10 12.28 7.17
N GLY A 166 1.34 12.77 7.19
CA GLY A 166 2.46 11.99 7.70
C GLY A 166 2.66 10.70 6.91
N TYR A 167 3.04 9.66 7.63
CA TYR A 167 3.36 8.38 7.01
C TYR A 167 2.10 7.73 6.39
N ASN A 168 0.94 7.89 7.05
CA ASN A 168 -0.34 7.39 6.53
C ASN A 168 -0.58 7.89 5.09
N SER A 169 -0.39 9.19 4.91
CA SER A 169 -0.56 9.84 3.60
C SER A 169 0.36 9.21 2.54
N ILE A 170 1.63 9.05 2.88
CA ILE A 170 2.61 8.47 1.97
C ILE A 170 2.21 7.04 1.60
N VAL A 171 1.86 6.24 2.61
CA VAL A 171 1.53 4.83 2.35
C VAL A 171 0.33 4.69 1.41
N VAL A 172 -0.74 5.42 1.70
CA VAL A 172 -1.95 5.34 0.86
C VAL A 172 -1.66 5.78 -0.57
N GLN A 173 -0.90 6.86 -0.71
CA GLN A 173 -0.54 7.33 -2.06
C GLN A 173 0.24 6.27 -2.85
N HIS A 174 1.15 5.57 -2.16
CA HIS A 174 1.97 4.55 -2.81
C HIS A 174 1.03 3.45 -3.34
N GLU A 175 0.08 3.04 -2.51
CA GLU A 175 -0.84 1.95 -2.93
C GLU A 175 -1.79 2.40 -4.03
N ILE A 176 -2.30 3.62 -3.92
CA ILE A 176 -3.21 4.11 -4.95
C ILE A 176 -2.46 4.18 -6.30
N ASP A 177 -1.21 4.64 -6.26
CA ASP A 177 -0.36 4.60 -7.49
C ASP A 177 -0.37 3.23 -8.14
N HIS A 178 -0.28 2.15 -7.35
CA HIS A 178 -0.31 0.80 -7.95
C HIS A 178 -1.54 0.51 -8.77
N ILE A 179 -2.71 0.97 -8.31
CA ILE A 179 -3.95 0.70 -9.04
C ILE A 179 -4.11 1.64 -10.23
N ASP A 180 -3.22 2.64 -10.36
CA ASP A 180 -3.16 3.49 -11.56
C ASP A 180 -1.98 3.14 -12.48
N GLY A 181 -1.19 2.14 -12.13
CA GLY A 181 -0.09 1.68 -12.98
C GLY A 181 1.16 2.53 -12.80
N ILE A 182 1.27 3.18 -11.64
CA ILE A 182 2.41 4.06 -11.35
C ILE A 182 3.32 3.39 -10.28
N MET A 183 4.64 3.45 -10.52
CA MET A 183 5.65 2.84 -9.65
C MET A 183 6.38 3.95 -8.88
N PHE A 184 6.86 3.62 -7.68
CA PHE A 184 7.41 4.65 -6.81
C PHE A 184 8.51 5.45 -7.48
N TYR A 185 9.34 4.77 -8.26
CA TYR A 185 10.48 5.47 -8.87
C TYR A 185 10.12 6.46 -9.97
N ASP A 186 8.86 6.38 -10.44
CA ASP A 186 8.32 7.37 -11.38
C ASP A 186 8.36 8.78 -10.77
N ARG A 187 8.39 8.82 -9.44
CA ARG A 187 8.27 10.07 -8.67
C ARG A 187 9.61 10.50 -8.05
N ILE A 188 10.71 9.86 -8.47
CA ILE A 188 12.06 10.25 -8.04
C ILE A 188 12.71 11.09 -9.15
N ASN A 189 13.37 12.18 -8.75
CA ASN A 189 14.00 13.12 -9.70
C ASN A 189 14.96 12.34 -10.61
N GLU A 190 14.89 12.60 -11.91
CA GLU A 190 15.63 11.80 -12.91
C GLU A 190 17.13 12.06 -12.90
N LYS A 191 17.49 13.29 -12.55
CA LYS A 191 18.89 13.72 -12.62
C LYS A 191 19.60 13.64 -11.27
N ASN A 192 18.94 14.11 -10.21
CA ASN A 192 19.48 13.98 -8.86
C ASN A 192 18.43 13.39 -7.93
N PRO A 193 18.53 12.09 -7.63
CA PRO A 193 17.53 11.42 -6.79
C PRO A 193 17.27 12.11 -5.45
N PHE A 194 18.26 12.85 -4.93
CA PHE A 194 18.11 13.53 -3.64
C PHE A 194 17.89 15.04 -3.71
N ALA A 195 17.52 15.53 -4.89
CA ALA A 195 17.16 16.95 -5.07
C ALA A 195 16.05 17.32 -4.10
N VAL A 196 16.15 18.51 -3.51
CA VAL A 196 15.11 19.00 -2.63
C VAL A 196 14.62 20.34 -3.14
N LYS A 197 13.39 20.37 -3.64
CA LYS A 197 12.75 21.63 -3.99
C LYS A 197 12.28 22.27 -2.69
N GLU A 198 12.62 23.54 -2.55
CA GLU A 198 12.30 24.31 -1.36
C GLU A 198 10.87 24.06 -0.89
N GLY A 199 10.71 23.73 0.38
CA GLY A 199 9.39 23.54 0.96
C GLY A 199 9.00 22.07 1.05
N LEU A 200 9.81 21.18 0.45
CA LEU A 200 9.57 19.74 0.57
C LEU A 200 9.64 19.31 2.03
N LEU A 201 8.60 18.62 2.49
CA LEU A 201 8.58 18.11 3.85
C LEU A 201 9.25 16.73 3.88
N ILE A 202 10.43 16.67 4.51
CA ILE A 202 11.16 15.41 4.60
C ILE A 202 10.79 14.70 5.91
N LEU A 203 10.16 13.53 5.79
CA LEU A 203 9.66 12.79 6.94
C LEU A 203 10.67 11.79 7.47
N GLU A 204 11.01 11.92 8.75
CA GLU A 204 12.00 11.02 9.37
C GLU A 204 11.32 9.78 9.95
#